data_1RC5
#
_entry.id   1RC5
#
_cell.length_a   49.742
_cell.length_b   140.856
_cell.length_c   49.746
_cell.angle_alpha   90.00
_cell.angle_beta   117.29
_cell.angle_gamma   90.00
#
_symmetry.space_group_name_H-M   'P 1 21 1'
#
loop_
_entity.id
_entity.type
_entity.pdbx_description
1 polymer 'Ribonuclease III'
2 non-polymer 'MAGNESIUM ION'
3 water water
#
_entity_poly.entity_id   1
_entity_poly.type   'polypeptide(L)'
_entity_poly.pdbx_seq_one_letter_code
;GMKMLEQLEKKLGYTFKDKSLLEKALTHVSYSKKEHYETLEFLGDALVNFFIVDLLVQYSPNKREGFLSPLKAYLISEEF
FNLLAQKLELHKFIRIKRGKINETIIGDVFEALWAAVYIDSGRDANFTRELFYKLFKEDILSAIKEGRHHHHHH
;
_entity_poly.pdbx_strand_id   A,B,C,D
#
loop_
_chem_comp.id
_chem_comp.type
_chem_comp.name
_chem_comp.formula
MG non-polymer 'MAGNESIUM ION' 'Mg 2'
#
# COMPACT_ATOMS: atom_id res chain seq x y z
N GLY A 1 1.38 -35.61 27.53
CA GLY A 1 1.34 -36.91 28.17
C GLY A 1 0.75 -37.99 27.29
N MET A 2 -0.26 -38.67 27.83
CA MET A 2 -1.03 -39.70 27.14
C MET A 2 -0.11 -40.74 26.51
N LYS A 3 -0.65 -41.48 25.55
CA LYS A 3 0.09 -42.50 24.82
C LYS A 3 0.50 -41.97 23.46
N MET A 4 1.05 -40.75 23.42
CA MET A 4 1.37 -40.11 22.16
C MET A 4 2.02 -38.76 22.47
N LEU A 5 1.29 -37.90 23.14
CA LEU A 5 1.72 -36.55 23.47
C LEU A 5 3.19 -36.53 23.90
N GLU A 6 3.50 -37.37 24.88
CA GLU A 6 4.80 -37.52 25.51
C GLU A 6 5.94 -37.47 24.50
N GLN A 7 5.74 -37.98 23.28
CA GLN A 7 6.79 -37.98 22.27
C GLN A 7 6.88 -36.67 21.50
N LEU A 8 5.78 -35.94 21.39
CA LEU A 8 5.81 -34.66 20.68
C LEU A 8 6.70 -33.71 21.48
N GLU A 9 6.56 -33.80 22.79
CA GLU A 9 7.30 -33.11 23.83
C GLU A 9 8.79 -33.43 23.82
N LYS A 10 9.19 -34.69 23.61
CA LYS A 10 10.62 -34.97 23.66
C LYS A 10 11.32 -34.39 22.43
N LYS A 11 10.61 -34.41 21.30
CA LYS A 11 11.11 -33.80 20.07
C LYS A 11 11.17 -32.28 20.22
N LEU A 12 10.06 -31.73 20.69
CA LEU A 12 9.89 -30.31 20.97
C LEU A 12 10.93 -29.83 21.97
N GLY A 13 11.28 -30.71 22.91
CA GLY A 13 12.27 -30.39 23.92
C GLY A 13 11.62 -29.62 25.05
N TYR A 14 10.30 -29.71 25.10
CA TYR A 14 9.53 -29.06 26.14
C TYR A 14 8.31 -29.90 26.54
N THR A 15 8.18 -30.05 27.84
CA THR A 15 7.07 -30.72 28.51
C THR A 15 6.11 -29.70 29.10
N PHE A 16 4.84 -29.79 28.76
CA PHE A 16 3.81 -28.88 29.23
C PHE A 16 3.36 -29.14 30.66
N LYS A 17 3.00 -28.06 31.35
CA LYS A 17 2.35 -28.18 32.66
C LYS A 17 0.86 -28.38 32.43
N ASP A 18 0.36 -27.74 31.36
CA ASP A 18 -1.03 -27.95 30.99
C ASP A 18 -1.11 -28.88 29.78
N LYS A 19 -1.61 -30.09 29.99
CA LYS A 19 -1.68 -31.08 28.91
C LYS A 19 -2.72 -30.71 27.85
N SER A 20 -3.91 -30.29 28.26
CA SER A 20 -4.95 -29.90 27.31
C SER A 20 -4.58 -28.65 26.53
N LEU A 21 -3.58 -27.93 27.02
CA LEU A 21 -3.12 -26.73 26.32
C LEU A 21 -2.41 -27.14 25.04
N LEU A 22 -1.54 -28.15 25.13
CA LEU A 22 -0.86 -28.63 23.93
C LEU A 22 -1.82 -29.35 22.99
N GLU A 23 -2.76 -30.11 23.56
CA GLU A 23 -3.77 -30.77 22.74
C GLU A 23 -4.57 -29.77 21.92
N LYS A 24 -5.07 -28.70 22.54
CA LYS A 24 -5.89 -27.74 21.80
C LYS A 24 -5.14 -27.17 20.61
N ALA A 25 -3.83 -27.02 20.73
CA ALA A 25 -3.05 -26.52 19.60
C ALA A 25 -2.99 -27.58 18.49
N LEU A 26 -3.08 -28.85 18.84
CA LEU A 26 -3.02 -29.91 17.84
C LEU A 26 -4.38 -30.28 17.29
N THR A 27 -5.43 -29.65 17.82
CA THR A 27 -6.79 -30.09 17.53
C THR A 27 -7.52 -29.24 16.51
N HIS A 28 -7.88 -29.89 15.40
CA HIS A 28 -8.67 -29.25 14.35
C HIS A 28 -10.12 -29.10 14.80
N VAL A 29 -10.79 -28.03 14.43
CA VAL A 29 -12.18 -27.80 14.82
C VAL A 29 -13.10 -28.95 14.42
N SER A 30 -12.70 -29.72 13.40
CA SER A 30 -13.49 -30.84 12.93
C SER A 30 -13.60 -31.93 14.00
N TYR A 31 -12.67 -31.89 14.94
CA TYR A 31 -12.49 -32.88 15.99
C TYR A 31 -13.10 -32.39 17.29
N SER A 32 -13.08 -31.07 17.44
CA SER A 32 -13.68 -30.43 18.61
C SER A 32 -14.06 -28.99 18.30
N LYS A 33 -15.34 -28.79 17.98
CA LYS A 33 -15.79 -27.42 17.73
C LYS A 33 -15.50 -26.53 18.93
N LYS A 34 -15.53 -27.12 20.13
CA LYS A 34 -15.36 -26.37 21.36
C LYS A 34 -13.93 -25.92 21.63
N GLU A 35 -12.95 -26.82 21.58
CA GLU A 35 -11.57 -26.43 21.88
C GLU A 35 -10.66 -26.79 20.72
N HIS A 36 -10.45 -25.86 19.80
CA HIS A 36 -9.61 -26.15 18.64
C HIS A 36 -8.55 -25.07 18.45
N TYR A 37 -7.55 -25.33 17.61
CA TYR A 37 -6.35 -24.51 17.55
C TYR A 37 -6.59 -23.09 17.05
N GLU A 38 -7.78 -22.70 16.63
CA GLU A 38 -7.94 -21.44 15.90
C GLU A 38 -7.39 -20.21 16.61
N THR A 39 -7.58 -20.10 17.93
CA THR A 39 -7.19 -18.87 18.62
C THR A 39 -5.71 -18.86 18.93
N LEU A 40 -5.19 -20.02 19.32
CA LEU A 40 -3.75 -20.16 19.48
C LEU A 40 -3.03 -19.80 18.19
N GLU A 41 -3.55 -20.33 17.08
CA GLU A 41 -2.99 -19.99 15.77
C GLU A 41 -2.94 -18.48 15.59
N PHE A 42 -3.95 -17.80 16.14
CA PHE A 42 -3.92 -16.34 15.99
C PHE A 42 -2.66 -15.78 16.66
N LEU A 43 -2.44 -16.18 17.91
CA LEU A 43 -1.31 -15.73 18.70
C LEU A 43 0.03 -16.10 18.07
N GLY A 44 0.22 -17.40 17.88
CA GLY A 44 1.45 -17.96 17.35
C GLY A 44 1.86 -17.35 16.02
N ASP A 45 0.88 -16.89 15.25
CA ASP A 45 1.21 -16.19 14.01
C ASP A 45 2.07 -14.97 14.32
N ALA A 46 1.58 -14.10 15.22
CA ALA A 46 2.35 -12.90 15.57
C ALA A 46 3.67 -13.26 16.27
N LEU A 47 3.58 -14.23 17.16
CA LEU A 47 4.62 -14.87 17.92
C LEU A 47 5.74 -15.41 17.05
N VAL A 48 5.37 -16.25 16.08
CA VAL A 48 6.36 -16.84 15.18
C VAL A 48 6.97 -15.76 14.29
N ASN A 49 6.11 -14.86 13.81
CA ASN A 49 6.62 -13.78 12.97
C ASN A 49 7.70 -13.00 13.73
N PHE A 50 7.50 -12.83 15.03
CA PHE A 50 8.44 -12.09 15.86
C PHE A 50 9.78 -12.82 15.96
N PHE A 51 9.78 -14.09 16.33
CA PHE A 51 11.02 -14.84 16.52
C PHE A 51 11.90 -14.77 15.28
N ILE A 52 11.23 -14.89 14.14
CA ILE A 52 11.94 -15.05 12.87
C ILE A 52 12.50 -13.73 12.38
N VAL A 53 11.70 -12.69 12.54
CA VAL A 53 12.20 -11.38 12.13
C VAL A 53 13.38 -10.99 13.02
N ASP A 54 13.25 -11.25 14.32
CA ASP A 54 14.33 -11.04 15.26
C ASP A 54 15.62 -11.67 14.75
N LEU A 55 15.55 -12.92 14.30
CA LEU A 55 16.73 -13.58 13.75
C LEU A 55 17.17 -12.90 12.46
N LEU A 56 16.19 -12.51 11.65
CA LEU A 56 16.44 -11.83 10.38
C LEU A 56 17.22 -10.54 10.61
N VAL A 57 16.66 -9.72 11.50
CA VAL A 57 17.26 -8.44 11.84
C VAL A 57 18.72 -8.66 12.23
N GLN A 58 18.91 -9.61 13.14
CA GLN A 58 20.20 -9.98 13.67
C GLN A 58 21.18 -10.50 12.63
N TYR A 59 20.85 -11.59 11.94
CA TYR A 59 21.91 -12.21 11.13
C TYR A 59 21.89 -11.79 9.68
N SER A 60 20.97 -10.92 9.25
CA SER A 60 21.09 -10.61 7.81
C SER A 60 22.31 -9.73 7.56
N PRO A 61 23.15 -10.14 6.61
CA PRO A 61 24.32 -9.37 6.18
C PRO A 61 23.97 -8.09 5.43
N ASN A 62 22.70 -7.95 5.05
CA ASN A 62 22.19 -6.70 4.49
C ASN A 62 20.98 -6.26 5.32
N LYS A 63 21.02 -5.02 5.78
CA LYS A 63 20.01 -4.50 6.69
C LYS A 63 18.89 -3.75 5.99
N ARG A 64 19.15 -3.23 4.79
CA ARG A 64 18.13 -2.49 4.05
C ARG A 64 16.84 -3.30 3.93
N GLU A 65 15.76 -2.72 4.43
CA GLU A 65 14.45 -3.36 4.45
C GLU A 65 14.10 -3.97 3.10
N GLY A 66 14.53 -3.32 2.02
CA GLY A 66 14.35 -3.80 0.68
C GLY A 66 15.02 -5.15 0.46
N PHE A 67 15.98 -5.47 1.32
CA PHE A 67 16.64 -6.77 1.28
C PHE A 67 15.93 -7.75 2.22
N LEU A 68 15.45 -7.21 3.34
CA LEU A 68 14.88 -8.00 4.41
C LEU A 68 13.56 -8.66 4.00
N SER A 69 12.58 -7.88 3.63
CA SER A 69 11.23 -8.30 3.28
C SER A 69 11.20 -9.60 2.48
N PRO A 70 11.92 -9.73 1.38
CA PRO A 70 11.86 -10.95 0.58
C PRO A 70 12.07 -12.24 1.37
N LEU A 71 13.28 -12.48 1.83
CA LEU A 71 13.63 -13.65 2.63
C LEU A 71 12.60 -13.85 3.74
N LYS A 72 12.17 -12.73 4.32
CA LYS A 72 11.12 -12.81 5.34
C LYS A 72 9.88 -13.47 4.75
N ALA A 73 9.47 -13.02 3.57
CA ALA A 73 8.27 -13.53 2.93
C ALA A 73 8.35 -15.05 2.81
N TYR A 74 9.57 -15.54 2.59
CA TYR A 74 9.74 -17.00 2.51
C TYR A 74 9.73 -17.59 3.92
N LEU A 75 10.52 -17.01 4.81
CA LEU A 75 10.66 -17.48 6.18
C LEU A 75 9.32 -17.63 6.88
N ILE A 76 8.31 -16.88 6.46
CA ILE A 76 6.97 -17.09 7.00
C ILE A 76 6.08 -17.84 6.03
N SER A 77 6.63 -18.30 4.91
CA SER A 77 5.81 -19.03 3.95
C SER A 77 5.26 -20.28 4.61
N GLU A 78 4.13 -20.79 4.10
CA GLU A 78 3.62 -22.04 4.68
C GLU A 78 4.50 -23.20 4.22
N GLU A 79 5.25 -22.91 3.17
CA GLU A 79 6.22 -23.83 2.60
C GLU A 79 7.36 -24.05 3.59
N PHE A 80 7.94 -22.95 4.07
CA PHE A 80 9.04 -23.01 5.01
C PHE A 80 8.56 -23.44 6.39
N PHE A 81 7.33 -23.04 6.76
CA PHE A 81 6.82 -23.48 8.06
C PHE A 81 6.70 -25.01 8.09
N ASN A 82 6.39 -25.56 6.92
CA ASN A 82 6.26 -27.01 6.78
C ASN A 82 7.64 -27.67 6.87
N LEU A 83 8.66 -27.01 6.33
CA LEU A 83 10.02 -27.48 6.49
C LEU A 83 10.35 -27.67 7.97
N LEU A 84 9.99 -26.66 8.77
CA LEU A 84 10.25 -26.71 10.20
C LEU A 84 9.34 -27.69 10.91
N ALA A 85 8.09 -27.77 10.44
CA ALA A 85 7.19 -28.68 11.17
C ALA A 85 7.70 -30.11 11.04
N GLN A 86 8.27 -30.43 9.88
CA GLN A 86 8.78 -31.77 9.62
C GLN A 86 9.72 -32.25 10.71
N LYS A 87 10.42 -31.31 11.32
CA LYS A 87 11.40 -31.62 12.36
C LYS A 87 10.78 -32.28 13.57
N LEU A 88 9.46 -32.12 13.77
CA LEU A 88 8.82 -32.80 14.87
C LEU A 88 7.71 -33.78 14.46
N GLU A 89 7.65 -34.15 13.19
CA GLU A 89 6.61 -34.93 12.55
C GLU A 89 5.25 -34.60 13.17
N LEU A 90 4.80 -33.39 12.86
CA LEU A 90 3.66 -32.73 13.46
C LEU A 90 2.32 -33.26 12.96
N HIS A 91 2.29 -33.76 11.73
CA HIS A 91 1.10 -34.36 11.14
C HIS A 91 0.63 -35.57 11.93
N LYS A 92 1.59 -36.16 12.63
CA LYS A 92 1.45 -37.38 13.40
C LYS A 92 0.64 -37.17 14.67
N PHE A 93 0.55 -35.90 15.08
CA PHE A 93 -0.06 -35.58 16.38
C PHE A 93 -1.33 -34.76 16.21
N ILE A 94 -1.57 -34.30 14.98
CA ILE A 94 -2.71 -33.42 14.73
C ILE A 94 -4.02 -34.19 14.86
N ARG A 95 -4.99 -33.59 15.53
CA ARG A 95 -6.29 -34.22 15.75
C ARG A 95 -7.32 -33.75 14.73
N ILE A 96 -7.80 -34.70 13.93
CA ILE A 96 -8.70 -34.27 12.85
C ILE A 96 -9.74 -35.33 12.53
N LYS A 97 -10.97 -34.89 12.28
CA LYS A 97 -12.00 -35.87 11.93
C LYS A 97 -12.10 -35.96 10.41
N ARG A 98 -13.33 -35.96 9.94
CA ARG A 98 -13.77 -36.18 8.57
C ARG A 98 -12.92 -35.41 7.57
N GLY A 99 -11.79 -36.00 7.19
CA GLY A 99 -10.94 -35.29 6.24
C GLY A 99 -9.48 -35.40 6.66
N LYS A 100 -8.63 -34.97 5.74
CA LYS A 100 -7.19 -35.15 5.77
C LYS A 100 -6.43 -33.89 6.16
N ILE A 101 -5.24 -34.13 6.67
CA ILE A 101 -4.24 -33.13 7.00
C ILE A 101 -3.69 -32.49 5.72
N ASN A 102 -3.36 -31.22 5.81
CA ASN A 102 -2.76 -30.45 4.71
C ASN A 102 -1.51 -29.71 5.18
N GLU A 103 -0.78 -29.13 4.24
CA GLU A 103 0.40 -28.35 4.61
C GLU A 103 -0.04 -27.07 5.31
N THR A 104 -1.13 -26.50 4.82
CA THR A 104 -1.73 -25.30 5.39
C THR A 104 -2.14 -25.54 6.85
N ILE A 105 -2.82 -26.64 7.09
CA ILE A 105 -3.31 -27.01 8.42
C ILE A 105 -2.14 -27.26 9.36
N ILE A 106 -1.08 -27.83 8.81
CA ILE A 106 0.17 -28.14 9.45
C ILE A 106 0.90 -26.86 9.82
N GLY A 107 0.82 -25.87 8.94
CA GLY A 107 1.39 -24.55 9.21
C GLY A 107 0.58 -23.85 10.28
N ASP A 108 -0.75 -24.01 10.26
CA ASP A 108 -1.60 -23.38 11.26
C ASP A 108 -1.40 -23.95 12.66
N VAL A 109 -1.04 -25.23 12.70
CA VAL A 109 -0.80 -25.97 13.93
C VAL A 109 0.60 -25.63 14.45
N PHE A 110 1.50 -25.40 13.50
CA PHE A 110 2.85 -24.99 13.86
C PHE A 110 2.73 -23.70 14.67
N GLU A 111 1.99 -22.75 14.12
CA GLU A 111 1.74 -21.49 14.82
C GLU A 111 1.13 -21.78 16.20
N ALA A 112 0.07 -22.59 16.23
CA ALA A 112 -0.68 -22.85 17.45
C ALA A 112 0.17 -23.52 18.53
N LEU A 113 1.13 -24.33 18.11
CA LEU A 113 1.99 -25.03 19.05
C LEU A 113 2.82 -24.04 19.88
N TRP A 114 3.53 -23.16 19.21
CA TRP A 114 4.35 -22.10 19.77
C TRP A 114 3.58 -21.11 20.61
N ALA A 115 2.38 -20.70 20.23
CA ALA A 115 1.56 -19.88 21.12
C ALA A 115 1.20 -20.66 22.38
N ALA A 116 1.01 -21.99 22.25
CA ALA A 116 0.69 -22.76 23.45
C ALA A 116 1.94 -22.91 24.30
N VAL A 117 3.10 -23.10 23.68
CA VAL A 117 4.34 -23.16 24.43
C VAL A 117 4.54 -21.87 25.22
N TYR A 118 4.39 -20.75 24.52
CA TYR A 118 4.45 -19.41 25.09
C TYR A 118 3.49 -19.26 26.26
N ILE A 119 2.23 -19.66 26.10
CA ILE A 119 1.26 -19.50 27.19
C ILE A 119 1.55 -20.45 28.35
N ASP A 120 1.86 -21.71 28.04
CA ASP A 120 2.04 -22.72 29.08
C ASP A 120 3.30 -22.46 29.90
N SER A 121 4.22 -21.69 29.35
CA SER A 121 5.48 -21.38 30.01
C SER A 121 5.35 -20.18 30.94
N GLY A 122 4.14 -19.60 30.96
CA GLY A 122 3.89 -18.41 31.76
C GLY A 122 3.99 -17.16 30.91
N ARG A 123 3.68 -17.31 29.62
CA ARG A 123 3.81 -16.19 28.68
C ARG A 123 5.24 -15.66 28.78
N ASP A 124 6.18 -16.58 28.55
CA ASP A 124 7.60 -16.35 28.57
C ASP A 124 8.22 -16.32 27.18
N ALA A 125 8.15 -15.17 26.54
CA ALA A 125 8.68 -14.97 25.20
C ALA A 125 10.16 -15.33 25.10
N ASN A 126 10.97 -15.04 26.11
CA ASN A 126 12.40 -15.32 26.02
C ASN A 126 12.70 -16.81 25.95
N PHE A 127 12.10 -17.57 26.85
CA PHE A 127 12.28 -19.01 26.88
C PHE A 127 11.83 -19.65 25.56
N THR A 128 10.60 -19.33 25.19
CA THR A 128 9.97 -19.82 23.96
C THR A 128 10.80 -19.46 22.74
N ARG A 129 11.26 -18.21 22.61
CA ARG A 129 12.17 -17.85 21.53
C ARG A 129 13.43 -18.71 21.50
N GLU A 130 14.01 -18.99 22.66
CA GLU A 130 15.21 -19.83 22.67
C GLU A 130 14.91 -21.27 22.26
N LEU A 131 13.81 -21.83 22.75
CA LEU A 131 13.43 -23.19 22.35
C LEU A 131 13.28 -23.28 20.83
N PHE A 132 12.78 -22.21 20.24
CA PHE A 132 12.57 -22.00 18.82
C PHE A 132 13.86 -21.85 18.03
N TYR A 133 14.89 -21.34 18.70
CA TYR A 133 16.22 -21.21 18.12
C TYR A 133 16.99 -22.51 18.26
N LYS A 134 16.84 -23.16 19.41
CA LYS A 134 17.46 -24.46 19.62
C LYS A 134 17.08 -25.40 18.47
N LEU A 135 15.79 -25.40 18.15
CA LEU A 135 15.26 -26.27 17.12
C LEU A 135 15.50 -25.75 15.71
N PHE A 136 15.24 -24.46 15.47
CA PHE A 136 15.18 -24.03 14.07
C PHE A 136 16.16 -22.95 13.68
N LYS A 137 16.98 -22.44 14.59
CA LYS A 137 17.81 -21.30 14.19
C LYS A 137 18.78 -21.67 13.07
N GLU A 138 19.19 -22.92 13.04
CA GLU A 138 20.24 -23.39 12.15
C GLU A 138 19.75 -23.47 10.70
N ASP A 139 18.48 -23.83 10.56
CA ASP A 139 17.84 -23.95 9.26
C ASP A 139 17.47 -22.58 8.70
N ILE A 140 17.20 -21.66 9.62
CA ILE A 140 16.87 -20.29 9.23
C ILE A 140 18.13 -19.58 8.77
N LEU A 141 19.25 -19.95 9.39
CA LEU A 141 20.52 -19.32 9.02
C LEU A 141 20.99 -19.85 7.69
N SER A 142 20.93 -21.17 7.53
CA SER A 142 21.38 -21.70 6.24
C SER A 142 20.46 -21.17 5.13
N ALA A 143 19.22 -20.90 5.53
CA ALA A 143 18.18 -20.41 4.65
C ALA A 143 18.45 -18.97 4.20
N ILE A 144 18.60 -18.06 5.14
CA ILE A 144 18.88 -16.65 4.88
C ILE A 144 19.91 -16.45 3.78
N LYS A 145 20.98 -17.23 3.78
CA LYS A 145 22.01 -17.11 2.75
C LYS A 145 21.60 -17.78 1.44
N GLU A 146 20.34 -17.63 1.08
CA GLU A 146 19.73 -18.14 -0.15
C GLU A 146 19.89 -19.65 -0.30
N GLY A 147 19.62 -20.37 0.78
CA GLY A 147 19.72 -21.82 0.81
C GLY A 147 18.46 -22.48 0.24
N ARG A 148 18.36 -22.45 -1.07
CA ARG A 148 17.26 -22.96 -1.88
C ARG A 148 15.93 -23.01 -1.13
N GLY B 1 12.57 25.01 31.01
CA GLY B 1 13.94 25.28 31.42
C GLY B 1 14.89 24.19 30.97
N MET B 2 14.45 22.93 31.08
CA MET B 2 15.27 21.80 30.67
C MET B 2 14.42 20.72 30.00
N LYS B 3 15.09 19.75 29.40
CA LYS B 3 14.49 18.63 28.71
C LYS B 3 13.96 18.96 27.32
N MET B 4 14.77 18.65 26.31
CA MET B 4 14.54 18.99 24.92
C MET B 4 15.00 17.88 24.00
N LEU B 5 16.24 17.43 24.23
CA LEU B 5 16.85 16.36 23.47
C LEU B 5 16.45 15.00 24.06
N GLU B 6 15.88 15.06 25.25
CA GLU B 6 15.45 13.84 25.93
C GLU B 6 14.48 14.20 27.06
N GLN B 7 13.83 13.19 27.59
CA GLN B 7 12.92 13.17 28.75
C GLN B 7 12.00 11.98 28.47
N LEU B 8 12.17 11.48 27.24
CA LEU B 8 11.38 10.37 26.74
C LEU B 8 11.66 9.08 27.50
N GLU B 9 12.87 8.95 28.04
CA GLU B 9 13.19 7.79 28.86
C GLU B 9 12.39 7.85 30.17
N LYS B 10 11.98 9.08 30.54
CA LYS B 10 11.22 9.28 31.76
C LYS B 10 9.74 9.00 31.53
N LYS B 11 9.34 9.10 30.26
CA LYS B 11 8.00 8.72 29.85
C LYS B 11 7.89 7.21 29.76
N LEU B 12 8.80 6.59 29.01
CA LEU B 12 8.91 5.15 28.88
C LEU B 12 9.08 4.43 30.21
N GLY B 13 9.78 5.06 31.13
CA GLY B 13 10.14 4.40 32.39
C GLY B 13 11.34 3.50 32.15
N TYR B 14 12.18 3.88 31.18
CA TYR B 14 13.35 3.10 30.84
C TYR B 14 14.53 3.97 30.41
N THR B 15 15.67 3.72 31.05
CA THR B 15 16.92 4.43 30.78
C THR B 15 17.83 3.53 29.95
N PHE B 16 18.20 3.99 28.76
CA PHE B 16 19.01 3.16 27.88
C PHE B 16 20.43 2.97 28.40
N LYS B 17 20.98 1.79 28.14
CA LYS B 17 22.40 1.58 28.36
C LYS B 17 23.15 2.33 27.24
N ASP B 18 22.73 2.09 26.01
CA ASP B 18 23.32 2.70 24.83
C ASP B 18 22.41 3.77 24.22
N LYS B 19 22.75 5.03 24.48
CA LYS B 19 21.96 6.17 24.07
C LYS B 19 21.78 6.24 22.56
N SER B 20 22.79 5.84 21.81
CA SER B 20 22.78 5.94 20.35
C SER B 20 21.88 4.87 19.72
N LEU B 21 21.21 4.10 20.55
CA LEU B 21 20.22 3.10 20.19
C LEU B 21 18.82 3.71 20.24
N LEU B 22 18.62 4.57 21.23
CA LEU B 22 17.43 5.40 21.35
C LEU B 22 17.45 6.50 20.29
N GLU B 23 18.62 7.14 20.15
CA GLU B 23 18.81 8.14 19.10
C GLU B 23 18.37 7.57 17.75
N LYS B 24 19.08 6.55 17.30
CA LYS B 24 18.88 5.89 16.03
C LYS B 24 17.40 5.66 15.71
N ALA B 25 16.64 5.19 16.68
CA ALA B 25 15.23 4.90 16.46
C ALA B 25 14.45 6.17 16.17
N LEU B 26 14.91 7.28 16.76
CA LEU B 26 14.29 8.58 16.59
C LEU B 26 14.87 9.37 15.41
N THR B 27 15.78 8.77 14.65
CA THR B 27 16.43 9.47 13.54
C THR B 27 15.95 9.03 12.16
N HIS B 28 15.33 9.93 11.41
CA HIS B 28 14.88 9.67 10.05
C HIS B 28 15.98 9.97 9.02
N VAL B 29 16.03 9.19 7.96
CA VAL B 29 17.00 9.21 6.88
C VAL B 29 17.51 10.61 6.55
N SER B 30 16.61 11.55 6.36
CA SER B 30 16.91 12.91 5.94
C SER B 30 17.88 13.60 6.91
N TYR B 31 17.78 13.21 8.17
CA TYR B 31 18.63 13.74 9.23
C TYR B 31 19.93 12.96 9.34
N SER B 32 19.86 11.64 9.18
CA SER B 32 21.08 10.84 9.24
C SER B 32 20.96 9.61 8.34
N LYS B 33 21.97 9.44 7.49
CA LYS B 33 22.05 8.33 6.55
C LYS B 33 22.89 7.20 7.11
N LYS B 34 23.84 7.53 7.99
CA LYS B 34 24.67 6.50 8.61
C LYS B 34 23.81 5.55 9.44
N GLU B 35 23.10 6.13 10.41
CA GLU B 35 22.24 5.39 11.31
C GLU B 35 20.87 6.05 11.48
N HIS B 36 19.85 5.50 10.83
CA HIS B 36 18.47 5.96 11.06
C HIS B 36 17.63 4.77 11.50
N TYR B 37 16.36 4.97 11.78
CA TYR B 37 15.57 3.93 12.43
C TYR B 37 15.00 2.89 11.47
N GLU B 38 15.47 2.82 10.23
CA GLU B 38 14.86 1.88 9.28
C GLU B 38 14.97 0.44 9.73
N THR B 39 16.16 -0.02 10.11
CA THR B 39 16.26 -1.43 10.51
C THR B 39 15.59 -1.70 11.85
N LEU B 40 15.52 -0.66 12.69
CA LEU B 40 14.85 -0.85 13.97
C LEU B 40 13.34 -0.98 13.76
N GLU B 41 12.77 -0.18 12.88
CA GLU B 41 11.33 -0.19 12.62
C GLU B 41 10.88 -1.55 12.09
N PHE B 42 11.70 -2.14 11.24
CA PHE B 42 11.39 -3.45 10.68
C PHE B 42 11.22 -4.48 11.79
N LEU B 43 12.09 -4.40 12.79
CA LEU B 43 11.99 -5.26 13.94
C LEU B 43 10.77 -4.89 14.79
N GLY B 44 10.64 -3.58 15.00
CA GLY B 44 9.55 -3.05 15.79
C GLY B 44 8.21 -3.33 15.18
N ASP B 45 8.15 -3.51 13.87
CA ASP B 45 6.87 -3.86 13.25
C ASP B 45 6.31 -5.13 13.89
N ALA B 46 7.09 -6.20 13.80
CA ALA B 46 6.70 -7.53 14.27
C ALA B 46 6.72 -7.66 15.78
N LEU B 47 7.65 -6.97 16.44
CA LEU B 47 7.79 -6.94 17.89
C LEU B 47 6.52 -6.40 18.54
N VAL B 48 6.07 -5.25 18.02
CA VAL B 48 4.87 -4.62 18.57
C VAL B 48 3.63 -5.41 18.15
N ASN B 49 3.66 -5.97 16.95
CA ASN B 49 2.54 -6.76 16.43
C ASN B 49 2.17 -7.87 17.42
N PHE B 50 3.18 -8.46 18.03
CA PHE B 50 2.99 -9.52 19.04
C PHE B 50 2.45 -8.96 20.34
N PHE B 51 2.93 -7.80 20.78
CA PHE B 51 2.43 -7.24 22.03
C PHE B 51 0.91 -7.03 21.98
N ILE B 52 0.42 -6.66 20.80
CA ILE B 52 -0.98 -6.30 20.65
C ILE B 52 -1.90 -7.50 20.51
N VAL B 53 -1.59 -8.42 19.58
CA VAL B 53 -2.46 -9.58 19.45
C VAL B 53 -2.36 -10.46 20.70
N ASP B 54 -1.25 -10.39 21.44
CA ASP B 54 -1.22 -11.19 22.68
C ASP B 54 -2.28 -10.67 23.64
N LEU B 55 -2.52 -9.36 23.55
CA LEU B 55 -3.55 -8.78 24.40
C LEU B 55 -4.92 -9.10 23.82
N LEU B 56 -5.01 -8.95 22.49
CA LEU B 56 -6.26 -9.17 21.77
C LEU B 56 -6.85 -10.53 22.15
N VAL B 57 -6.02 -11.56 21.97
CA VAL B 57 -6.43 -12.93 22.25
C VAL B 57 -6.99 -13.06 23.66
N GLN B 58 -6.33 -12.36 24.59
CA GLN B 58 -6.71 -12.44 26.00
C GLN B 58 -7.97 -11.67 26.34
N TYR B 59 -8.10 -10.42 25.90
CA TYR B 59 -9.19 -9.61 26.47
C TYR B 59 -10.38 -9.47 25.56
N SER B 60 -10.25 -9.75 24.25
CA SER B 60 -11.44 -9.61 23.41
C SER B 60 -12.54 -10.56 23.88
N PRO B 61 -13.77 -10.06 23.94
CA PRO B 61 -14.91 -10.87 24.37
C PRO B 61 -15.13 -12.08 23.46
N ASN B 62 -14.68 -12.00 22.20
CA ASN B 62 -14.87 -13.13 21.31
C ASN B 62 -13.76 -14.17 21.47
N LYS B 63 -13.37 -14.85 20.38
CA LYS B 63 -12.07 -15.55 20.34
C LYS B 63 -11.79 -15.95 18.88
N ARG B 64 -12.87 -15.89 18.08
CA ARG B 64 -12.82 -16.35 16.70
C ARG B 64 -12.01 -15.37 15.85
N GLU B 65 -11.27 -15.88 14.87
CA GLU B 65 -10.40 -15.07 14.04
C GLU B 65 -11.16 -13.99 13.27
N GLY B 66 -12.40 -14.30 12.91
CA GLY B 66 -13.25 -13.37 12.18
C GLY B 66 -13.52 -12.09 12.95
N PHE B 67 -13.66 -12.16 14.28
CA PHE B 67 -13.94 -10.95 15.05
C PHE B 67 -12.67 -10.31 15.58
N LEU B 68 -11.53 -10.98 15.37
CA LEU B 68 -10.25 -10.51 15.86
C LEU B 68 -9.46 -9.74 14.80
N SER B 69 -9.61 -10.16 13.55
CA SER B 69 -8.85 -9.58 12.45
C SER B 69 -9.17 -8.12 12.19
N PRO B 70 -10.43 -7.73 12.03
CA PRO B 70 -10.73 -6.30 11.80
C PRO B 70 -10.35 -5.44 12.99
N LEU B 71 -10.42 -6.00 14.19
CA LEU B 71 -10.01 -5.32 15.41
C LEU B 71 -8.48 -5.24 15.50
N LYS B 72 -7.81 -6.28 15.01
CA LYS B 72 -6.36 -6.33 15.00
C LYS B 72 -5.77 -5.28 14.05
N ALA B 73 -6.39 -5.16 12.90
CA ALA B 73 -5.94 -4.21 11.89
C ALA B 73 -5.91 -2.79 12.44
N TYR B 74 -6.88 -2.47 13.30
CA TYR B 74 -7.00 -1.13 13.84
C TYR B 74 -5.91 -0.83 14.88
N LEU B 75 -5.75 -1.74 15.82
CA LEU B 75 -4.81 -1.58 16.91
C LEU B 75 -3.37 -1.61 16.42
N ILE B 76 -3.14 -1.91 15.14
CA ILE B 76 -1.77 -1.85 14.62
C ILE B 76 -1.70 -0.97 13.38
N SER B 77 -2.57 0.03 13.31
CA SER B 77 -2.52 1.03 12.26
C SER B 77 -1.69 2.23 12.71
N GLU B 78 -1.04 2.89 11.77
CA GLU B 78 -0.25 4.08 12.09
C GLU B 78 -1.07 5.08 12.90
N GLU B 79 -2.32 5.26 12.46
CA GLU B 79 -3.27 6.15 13.14
C GLU B 79 -3.31 5.86 14.63
N PHE B 80 -3.65 4.61 14.98
CA PHE B 80 -3.71 4.26 16.39
C PHE B 80 -2.33 4.43 17.04
N PHE B 81 -1.30 3.96 16.34
CA PHE B 81 0.07 4.13 16.76
C PHE B 81 0.36 5.61 17.02
N ASN B 82 -0.32 6.51 16.28
CA ASN B 82 -0.08 7.92 16.59
C ASN B 82 -0.60 8.25 17.98
N LEU B 83 -1.82 7.83 18.27
CA LEU B 83 -2.47 8.08 19.54
C LEU B 83 -1.68 7.51 20.72
N LEU B 84 -0.83 6.54 20.42
CA LEU B 84 0.02 5.89 21.42
C LEU B 84 1.31 6.69 21.58
N ALA B 85 1.75 7.26 20.46
CA ALA B 85 2.95 8.07 20.43
C ALA B 85 2.68 9.44 21.04
N GLN B 86 1.49 9.99 20.80
CA GLN B 86 1.13 11.30 21.34
C GLN B 86 1.39 11.32 22.85
N LYS B 87 1.12 10.20 23.49
CA LYS B 87 1.34 9.96 24.90
C LYS B 87 2.83 9.94 25.24
N LEU B 88 3.66 9.92 24.21
CA LEU B 88 5.10 9.92 24.32
C LEU B 88 5.67 11.27 23.88
N GLU B 89 4.80 12.11 23.32
CA GLU B 89 5.20 13.37 22.71
C GLU B 89 6.35 13.11 21.72
N LEU B 90 6.20 11.99 21.01
CA LEU B 90 7.18 11.42 20.11
C LEU B 90 7.71 12.43 19.10
N HIS B 91 6.84 13.09 18.37
CA HIS B 91 7.14 14.13 17.40
C HIS B 91 8.23 15.11 17.85
N LYS B 92 8.29 15.36 19.14
CA LYS B 92 9.18 16.21 19.88
C LYS B 92 10.64 15.75 19.85
N PHE B 93 10.86 14.44 19.83
CA PHE B 93 12.21 13.88 19.84
C PHE B 93 12.67 13.39 18.49
N ILE B 94 11.75 13.30 17.52
CA ILE B 94 12.19 12.84 16.20
C ILE B 94 13.20 13.85 15.64
N ARG B 95 14.23 13.32 15.00
CA ARG B 95 15.28 14.10 14.38
C ARG B 95 15.14 14.05 12.86
N ILE B 96 14.39 15.00 12.33
CA ILE B 96 14.02 15.00 10.92
C ILE B 96 14.34 16.33 10.25
N LYS B 97 14.84 16.23 9.02
CA LYS B 97 15.18 17.38 8.21
C LYS B 97 13.94 17.95 7.52
N ARG B 98 14.02 19.23 7.17
CA ARG B 98 12.96 19.98 6.52
C ARG B 98 11.75 20.08 7.45
N GLY B 99 10.59 20.41 6.88
CA GLY B 99 9.39 20.61 7.70
C GLY B 99 8.38 19.52 7.50
N LYS B 100 8.68 18.56 6.62
CA LYS B 100 7.70 17.48 6.42
C LYS B 100 8.14 16.23 7.17
N ILE B 101 7.44 15.97 8.26
CA ILE B 101 7.65 14.82 9.13
C ILE B 101 6.67 13.70 8.79
N ASN B 102 5.39 14.02 8.98
CA ASN B 102 4.17 13.24 8.72
C ASN B 102 3.83 12.13 9.73
N GLU B 103 2.67 11.54 9.51
CA GLU B 103 2.08 10.48 10.30
C GLU B 103 2.69 9.11 9.99
N THR B 104 3.40 9.01 8.87
CA THR B 104 4.00 7.75 8.49
C THR B 104 5.30 7.52 9.25
N ILE B 105 6.09 8.58 9.39
CA ILE B 105 7.36 8.52 10.11
C ILE B 105 7.10 8.16 11.57
N ILE B 106 6.14 8.84 12.17
CA ILE B 106 5.71 8.75 13.54
C ILE B 106 5.49 7.34 14.06
N GLY B 107 4.45 6.69 13.54
CA GLY B 107 4.16 5.31 13.89
C GLY B 107 5.37 4.41 13.64
N ASP B 108 6.14 4.72 12.60
CA ASP B 108 7.34 3.98 12.29
C ASP B 108 8.41 4.19 13.35
N VAL B 109 8.49 5.45 13.79
CA VAL B 109 9.39 5.77 14.90
C VAL B 109 8.82 5.12 16.15
N PHE B 110 7.49 5.17 16.27
CA PHE B 110 6.84 4.44 17.36
C PHE B 110 7.27 2.98 17.30
N GLU B 111 7.41 2.48 16.08
CA GLU B 111 7.82 1.09 15.86
C GLU B 111 9.31 0.89 16.18
N ALA B 112 10.16 1.76 15.63
CA ALA B 112 11.59 1.66 15.89
C ALA B 112 11.91 1.91 17.36
N LEU B 113 11.04 2.63 18.07
CA LEU B 113 11.32 2.93 19.46
C LEU B 113 11.16 1.72 20.37
N TRP B 114 10.23 0.81 20.07
CA TRP B 114 10.09 -0.29 21.03
C TRP B 114 11.02 -1.44 20.70
N ALA B 115 11.55 -1.43 19.48
CA ALA B 115 12.58 -2.36 19.04
C ALA B 115 13.93 -1.96 19.63
N ALA B 116 14.18 -0.65 19.72
CA ALA B 116 15.40 -0.15 20.34
C ALA B 116 15.46 -0.55 21.81
N VAL B 117 14.35 -0.35 22.51
CA VAL B 117 14.19 -0.72 23.91
C VAL B 117 14.39 -2.23 24.09
N TYR B 118 13.77 -2.99 23.20
CA TYR B 118 13.92 -4.43 23.15
C TYR B 118 15.41 -4.79 23.15
N ILE B 119 16.11 -4.27 22.16
CA ILE B 119 17.52 -4.57 21.94
C ILE B 119 18.37 -4.04 23.07
N ASP B 120 18.06 -2.80 23.50
CA ASP B 120 18.75 -2.25 24.65
C ASP B 120 18.69 -3.19 25.85
N SER B 121 17.51 -3.75 26.08
CA SER B 121 17.26 -4.57 27.26
C SER B 121 17.98 -5.91 27.21
N GLY B 122 18.77 -6.16 26.18
CA GLY B 122 19.43 -7.47 26.10
C GLY B 122 18.48 -8.49 25.50
N ARG B 123 17.55 -8.00 24.66
CA ARG B 123 16.58 -8.90 24.04
C ARG B 123 15.66 -9.48 25.10
N ASP B 124 15.04 -8.57 25.86
CA ASP B 124 14.15 -9.03 26.93
C ASP B 124 12.70 -8.76 26.53
N ALA B 125 12.14 -9.69 25.78
CA ALA B 125 10.79 -9.63 25.26
C ALA B 125 9.76 -9.37 26.36
N ASN B 126 9.85 -10.15 27.43
CA ASN B 126 8.87 -10.01 28.52
C ASN B 126 8.87 -8.61 29.11
N PHE B 127 10.04 -8.20 29.58
CA PHE B 127 10.21 -6.87 30.19
C PHE B 127 9.65 -5.80 29.27
N THR B 128 10.26 -5.73 28.09
CA THR B 128 9.81 -4.79 27.07
C THR B 128 8.31 -4.89 26.85
N ARG B 129 7.82 -6.13 26.74
CA ARG B 129 6.37 -6.34 26.63
C ARG B 129 5.62 -5.61 27.74
N GLU B 130 6.06 -5.90 28.97
CA GLU B 130 5.49 -5.31 30.17
C GLU B 130 5.66 -3.79 30.22
N LEU B 131 6.78 -3.29 29.70
CA LEU B 131 7.00 -1.83 29.71
C LEU B 131 5.96 -1.16 28.81
N PHE B 132 5.63 -1.87 27.74
CA PHE B 132 4.67 -1.44 26.73
C PHE B 132 3.27 -1.43 27.31
N TYR B 133 2.96 -2.40 28.15
CA TYR B 133 1.64 -2.52 28.74
C TYR B 133 1.35 -1.46 29.79
N LYS B 134 2.35 -1.17 30.62
CA LYS B 134 2.18 -0.16 31.67
C LYS B 134 1.74 1.17 31.07
N LEU B 135 2.17 1.42 29.85
CA LEU B 135 1.87 2.66 29.14
C LEU B 135 0.56 2.57 28.37
N PHE B 136 0.40 1.58 27.49
CA PHE B 136 -0.85 1.53 26.74
C PHE B 136 -1.78 0.34 26.94
N LYS B 137 -1.59 -0.47 27.97
CA LYS B 137 -2.49 -1.62 28.12
C LYS B 137 -3.94 -1.12 28.24
N GLU B 138 -4.09 -0.13 29.11
CA GLU B 138 -5.29 0.62 29.41
C GLU B 138 -6.08 0.93 28.16
N ASP B 139 -5.42 1.63 27.25
CA ASP B 139 -5.96 2.18 26.03
C ASP B 139 -6.32 1.12 24.99
N ILE B 140 -5.58 0.01 25.00
CA ILE B 140 -5.85 -1.04 24.02
C ILE B 140 -7.15 -1.75 24.35
N LEU B 141 -7.29 -2.19 25.59
CA LEU B 141 -8.52 -2.79 26.06
C LEU B 141 -9.73 -1.93 25.71
N SER B 142 -9.66 -0.65 26.08
CA SER B 142 -10.73 0.31 25.85
C SER B 142 -11.23 0.21 24.41
N ALA B 143 -10.25 0.26 23.53
CA ALA B 143 -10.35 0.12 22.09
C ALA B 143 -10.93 -1.25 21.71
N ILE B 144 -10.86 -2.18 22.65
CA ILE B 144 -11.37 -3.54 22.46
C ILE B 144 -12.85 -3.62 22.79
N LYS B 145 -13.27 -2.85 23.79
CA LYS B 145 -14.68 -2.83 24.17
C LYS B 145 -15.53 -2.08 23.15
N GLU B 146 -15.07 -0.88 22.77
CA GLU B 146 -15.85 -0.12 21.81
C GLU B 146 -15.92 -0.80 20.44
N GLY B 147 -14.92 -1.60 20.11
CA GLY B 147 -14.88 -2.32 18.83
C GLY B 147 -14.77 -1.39 17.63
N ARG B 148 -13.56 -0.97 17.32
CA ARG B 148 -13.32 -0.03 16.22
C ARG B 148 -12.70 -0.74 15.01
N HIS B 149 -13.26 -0.45 13.85
CA HIS B 149 -12.86 -1.00 12.57
C HIS B 149 -13.41 -2.42 12.37
N GLY C 1 -15.07 33.99 -30.10
CA GLY C 1 -15.01 33.86 -31.56
C GLY C 1 -14.93 35.19 -32.27
N MET C 2 -14.34 36.18 -31.63
CA MET C 2 -14.17 37.54 -32.12
C MET C 2 -13.08 38.22 -31.28
N LYS C 3 -12.16 37.39 -30.84
CA LYS C 3 -11.07 37.64 -29.95
C LYS C 3 -11.54 38.08 -28.57
N MET C 4 -12.61 37.46 -28.10
CA MET C 4 -12.92 37.41 -26.68
C MET C 4 -11.94 36.38 -26.10
N LEU C 5 -11.58 35.50 -27.03
CA LEU C 5 -10.62 34.44 -26.85
C LEU C 5 -9.38 34.94 -26.14
N GLU C 6 -8.68 35.86 -26.79
CA GLU C 6 -7.47 36.50 -26.27
C GLU C 6 -7.61 36.85 -24.80
N GLN C 7 -8.76 37.37 -24.38
CA GLN C 7 -8.97 37.60 -22.96
C GLN C 7 -8.76 36.28 -22.22
N LEU C 8 -9.50 35.27 -22.64
CA LEU C 8 -9.34 33.90 -22.16
C LEU C 8 -7.88 33.48 -22.23
N GLU C 9 -7.22 33.85 -23.33
CA GLU C 9 -5.82 33.45 -23.48
C GLU C 9 -4.95 34.12 -22.44
N LYS C 10 -5.31 35.34 -22.04
CA LYS C 10 -4.51 36.04 -21.05
C LYS C 10 -4.68 35.40 -19.67
N LYS C 11 -5.93 35.09 -19.30
CA LYS C 11 -6.20 34.52 -17.99
C LYS C 11 -5.78 33.06 -17.89
N LEU C 12 -5.75 32.39 -19.03
CA LEU C 12 -5.40 30.98 -19.12
C LEU C 12 -3.88 30.80 -19.06
N GLY C 13 -3.18 31.85 -19.45
CA GLY C 13 -1.73 31.83 -19.52
C GLY C 13 -1.23 31.15 -20.78
N TYR C 14 -2.15 30.90 -21.71
CA TYR C 14 -1.78 30.24 -22.96
C TYR C 14 -2.53 30.83 -24.16
N THR C 15 -1.78 31.11 -25.21
CA THR C 15 -2.27 31.63 -26.49
C THR C 15 -2.24 30.54 -27.56
N PHE C 16 -3.41 30.17 -28.08
CA PHE C 16 -3.60 29.08 -29.03
C PHE C 16 -2.95 29.32 -30.38
N LYS C 17 -2.35 28.26 -30.93
CA LYS C 17 -1.78 28.31 -32.26
C LYS C 17 -2.93 28.25 -33.28
N ASP C 18 -3.87 27.38 -32.94
CA ASP C 18 -5.06 27.14 -33.74
C ASP C 18 -6.26 27.65 -32.99
N LYS C 19 -6.75 28.84 -33.35
CA LYS C 19 -7.84 29.51 -32.66
C LYS C 19 -9.14 28.70 -32.62
N SER C 20 -9.51 28.07 -33.72
CA SER C 20 -10.76 27.32 -33.87
C SER C 20 -10.84 26.11 -32.95
N LEU C 21 -9.69 25.55 -32.61
CA LEU C 21 -9.60 24.46 -31.64
C LEU C 21 -10.10 24.97 -30.28
N LEU C 22 -9.78 26.22 -29.99
CA LEU C 22 -10.22 26.96 -28.81
C LEU C 22 -11.71 27.27 -28.84
N GLU C 23 -12.18 27.83 -29.96
CA GLU C 23 -13.59 28.22 -30.08
C GLU C 23 -14.48 27.00 -29.91
N LYS C 24 -14.07 25.91 -30.55
CA LYS C 24 -14.75 24.62 -30.47
C LYS C 24 -14.87 24.14 -29.04
N ALA C 25 -13.83 24.29 -28.21
CA ALA C 25 -13.98 23.81 -26.83
C ALA C 25 -15.00 24.66 -26.08
N LEU C 26 -15.25 25.85 -26.61
CA LEU C 26 -16.16 26.86 -26.09
C LEU C 26 -17.57 26.73 -26.65
N THR C 27 -17.76 25.92 -27.68
CA THR C 27 -19.01 25.93 -28.41
C THR C 27 -19.93 24.74 -28.15
N HIS C 28 -21.00 24.98 -27.39
CA HIS C 28 -22.05 24.00 -27.14
C HIS C 28 -22.73 23.64 -28.46
N VAL C 29 -23.11 22.37 -28.61
CA VAL C 29 -23.64 21.85 -29.85
C VAL C 29 -24.76 22.72 -30.42
N SER C 30 -25.51 23.43 -29.58
CA SER C 30 -26.55 24.30 -30.10
C SER C 30 -25.97 25.34 -31.05
N TYR C 31 -24.94 26.05 -30.58
CA TYR C 31 -24.26 27.04 -31.41
C TYR C 31 -23.83 26.45 -32.75
N SER C 32 -23.19 25.28 -32.73
CA SER C 32 -22.74 24.62 -33.95
C SER C 32 -22.77 23.10 -33.82
N LYS C 33 -23.58 22.43 -34.64
CA LYS C 33 -23.81 21.01 -34.48
C LYS C 33 -22.74 20.16 -35.15
N LYS C 34 -21.91 20.78 -35.97
CA LYS C 34 -20.83 20.08 -36.65
C LYS C 34 -19.49 20.39 -36.00
N GLU C 35 -19.44 21.36 -35.09
CA GLU C 35 -18.16 21.67 -34.44
C GLU C 35 -18.36 22.17 -33.02
N HIS C 36 -18.53 21.25 -32.07
CA HIS C 36 -18.78 21.63 -30.67
C HIS C 36 -17.88 20.86 -29.73
N TYR C 37 -17.96 21.11 -28.43
CA TYR C 37 -16.93 20.62 -27.51
C TYR C 37 -17.01 19.14 -27.16
N GLU C 38 -18.10 18.46 -27.44
CA GLU C 38 -18.43 17.11 -27.01
C GLU C 38 -17.24 16.16 -26.96
N THR C 39 -16.51 16.02 -28.06
CA THR C 39 -15.37 15.11 -28.09
C THR C 39 -14.22 15.63 -27.25
N LEU C 40 -13.95 16.94 -27.36
CA LEU C 40 -12.91 17.54 -26.56
C LEU C 40 -13.18 17.32 -25.07
N GLU C 41 -14.46 17.31 -24.69
CA GLU C 41 -14.83 17.09 -23.29
C GLU C 41 -14.50 15.68 -22.85
N PHE C 42 -14.76 14.72 -23.72
CA PHE C 42 -14.44 13.31 -23.53
C PHE C 42 -12.98 13.12 -23.10
N LEU C 43 -12.08 13.68 -23.90
CA LEU C 43 -10.65 13.63 -23.65
C LEU C 43 -10.25 14.49 -22.45
N GLY C 44 -10.78 15.71 -22.40
CA GLY C 44 -10.48 16.59 -21.28
C GLY C 44 -10.87 15.93 -19.97
N ASP C 45 -11.89 15.08 -20.01
CA ASP C 45 -12.35 14.32 -18.86
C ASP C 45 -11.22 13.46 -18.30
N ALA C 46 -10.66 12.63 -19.17
CA ALA C 46 -9.50 11.80 -18.91
C ALA C 46 -8.32 12.61 -18.39
N LEU C 47 -7.94 13.63 -19.16
CA LEU C 47 -6.75 14.41 -18.85
C LEU C 47 -6.79 14.97 -17.43
N VAL C 48 -7.81 15.77 -17.15
CA VAL C 48 -7.98 16.47 -15.88
C VAL C 48 -8.02 15.52 -14.70
N ASN C 49 -8.63 14.37 -14.90
CA ASN C 49 -8.66 13.36 -13.83
C ASN C 49 -7.24 12.97 -13.46
N PHE C 50 -6.39 12.76 -14.46
CA PHE C 50 -4.98 12.46 -14.18
C PHE C 50 -4.27 13.68 -13.62
N PHE C 51 -4.60 14.90 -14.03
CA PHE C 51 -3.90 16.05 -13.45
C PHE C 51 -4.12 16.08 -11.95
N ILE C 52 -5.34 15.73 -11.59
CA ILE C 52 -5.85 15.77 -10.23
C ILE C 52 -5.42 14.55 -9.44
N VAL C 53 -5.50 13.35 -10.02
CA VAL C 53 -5.02 12.18 -9.26
C VAL C 53 -3.51 12.29 -9.06
N ASP C 54 -2.79 12.87 -10.03
CA ASP C 54 -1.35 13.02 -9.83
C ASP C 54 -1.07 14.01 -8.70
N LEU C 55 -1.70 15.18 -8.75
CA LEU C 55 -1.46 16.13 -7.66
C LEU C 55 -1.88 15.50 -6.33
N LEU C 56 -3.04 14.85 -6.35
CA LEU C 56 -3.58 14.21 -5.16
C LEU C 56 -2.58 13.25 -4.52
N VAL C 57 -2.24 12.19 -5.24
CA VAL C 57 -1.36 11.15 -4.74
C VAL C 57 -0.09 11.70 -4.13
N GLN C 58 0.48 12.75 -4.73
CA GLN C 58 1.68 13.30 -4.08
C GLN C 58 1.47 14.01 -2.75
N TYR C 59 0.77 15.14 -2.82
CA TYR C 59 0.61 16.04 -1.69
C TYR C 59 -0.38 15.56 -0.67
N SER C 60 -1.04 14.43 -0.94
CA SER C 60 -2.01 13.93 0.04
C SER C 60 -1.35 13.70 1.39
N PRO C 61 -2.10 13.95 2.46
CA PRO C 61 -1.59 13.69 3.81
C PRO C 61 -1.23 12.22 3.94
N ASN C 62 -2.09 11.39 3.36
CA ASN C 62 -1.90 9.95 3.28
C ASN C 62 -2.45 9.42 1.97
N LYS C 63 -1.80 8.37 1.48
CA LYS C 63 -2.14 7.79 0.19
C LYS C 63 -3.00 6.55 0.32
N ARG C 64 -4.00 6.61 1.19
CA ARG C 64 -4.89 5.46 1.37
C ARG C 64 -6.06 5.51 0.39
N GLU C 65 -6.36 4.36 -0.22
CA GLU C 65 -7.46 4.23 -1.17
C GLU C 65 -8.77 4.74 -0.58
N GLY C 66 -9.11 4.22 0.59
CA GLY C 66 -10.30 4.62 1.30
C GLY C 66 -10.44 6.13 1.39
N PHE C 67 -9.36 6.82 1.72
CA PHE C 67 -9.41 8.28 1.84
C PHE C 67 -9.13 8.97 0.51
N LEU C 68 -8.39 8.33 -0.40
CA LEU C 68 -8.07 8.99 -1.66
C LEU C 68 -9.32 9.25 -2.49
N SER C 69 -10.28 8.33 -2.41
CA SER C 69 -11.51 8.42 -3.18
C SER C 69 -12.35 9.64 -2.82
N PRO C 70 -12.67 9.86 -1.55
CA PRO C 70 -13.49 11.03 -1.21
C PRO C 70 -12.85 12.32 -1.71
N LEU C 71 -11.55 12.46 -1.46
CA LEU C 71 -10.86 13.65 -1.96
C LEU C 71 -10.90 13.68 -3.49
N LYS C 72 -10.71 12.50 -4.09
CA LYS C 72 -10.75 12.44 -5.54
C LYS C 72 -12.10 12.94 -6.05
N ALA C 73 -13.13 12.32 -5.51
CA ALA C 73 -14.54 12.48 -5.75
C ALA C 73 -14.97 13.93 -5.88
N TYR C 74 -14.68 14.71 -4.84
CA TYR C 74 -14.93 16.14 -4.80
C TYR C 74 -14.11 16.87 -5.86
N LEU C 75 -12.80 16.61 -5.88
CA LEU C 75 -11.91 17.37 -6.75
C LEU C 75 -12.24 17.24 -8.23
N ILE C 76 -13.09 16.29 -8.62
CA ILE C 76 -13.40 16.12 -10.03
C ILE C 76 -14.91 16.25 -10.29
N SER C 77 -15.67 16.45 -9.24
CA SER C 77 -17.08 16.75 -9.22
C SER C 77 -17.39 18.07 -9.92
N GLU C 78 -18.66 18.28 -10.25
CA GLU C 78 -19.08 19.42 -11.07
C GLU C 78 -18.91 20.75 -10.35
N GLU C 79 -19.06 20.74 -9.05
CA GLU C 79 -18.89 21.83 -8.11
C GLU C 79 -17.46 22.35 -8.15
N PHE C 80 -16.51 21.43 -8.12
CA PHE C 80 -15.10 21.80 -8.07
C PHE C 80 -14.60 22.35 -9.40
N PHE C 81 -15.04 21.76 -10.53
CA PHE C 81 -14.61 22.33 -11.81
C PHE C 81 -15.20 23.72 -12.01
N ASN C 82 -16.34 23.97 -11.37
CA ASN C 82 -16.94 25.30 -11.46
C ASN C 82 -16.11 26.32 -10.67
N LEU C 83 -15.49 25.84 -9.60
CA LEU C 83 -14.60 26.65 -8.79
C LEU C 83 -13.38 27.13 -9.57
N LEU C 84 -12.76 26.24 -10.36
CA LEU C 84 -11.58 26.68 -11.12
C LEU C 84 -11.98 27.48 -12.35
N ALA C 85 -13.11 27.16 -12.97
CA ALA C 85 -13.53 27.89 -14.17
C ALA C 85 -13.85 29.34 -13.85
N GLN C 86 -14.28 29.58 -12.61
CA GLN C 86 -14.51 30.93 -12.11
C GLN C 86 -13.26 31.78 -12.38
N LYS C 87 -12.15 31.30 -11.84
CA LYS C 87 -10.84 31.91 -11.98
C LYS C 87 -10.57 32.36 -13.41
N LEU C 88 -11.05 31.61 -14.40
CA LEU C 88 -10.85 32.00 -15.79
C LEU C 88 -12.09 32.68 -16.36
N GLU C 89 -13.13 32.80 -15.55
CA GLU C 89 -14.44 33.32 -15.93
C GLU C 89 -14.85 32.72 -17.27
N LEU C 90 -14.99 31.40 -17.27
CA LEU C 90 -15.36 30.66 -18.47
C LEU C 90 -16.73 31.13 -18.98
N HIS C 91 -17.67 31.26 -18.07
CA HIS C 91 -19.04 31.66 -18.36
C HIS C 91 -19.18 32.79 -19.37
N LYS C 92 -18.21 33.68 -19.47
CA LYS C 92 -18.20 34.79 -20.41
C LYS C 92 -17.88 34.41 -21.84
N PHE C 93 -17.13 33.32 -22.07
CA PHE C 93 -16.72 33.08 -23.46
C PHE C 93 -17.48 31.93 -24.11
N ILE C 94 -18.33 31.24 -23.36
CA ILE C 94 -19.05 30.11 -23.95
C ILE C 94 -19.96 30.57 -25.09
N ARG C 95 -20.04 29.76 -26.14
CA ARG C 95 -20.90 30.05 -27.29
C ARG C 95 -22.08 29.09 -27.37
N ILE C 96 -23.27 29.65 -27.27
CA ILE C 96 -24.51 28.90 -27.17
C ILE C 96 -25.70 29.60 -27.83
N LYS C 97 -26.68 28.82 -28.27
CA LYS C 97 -27.89 29.36 -28.85
C LYS C 97 -29.11 28.75 -28.16
N ARG C 98 -30.17 29.54 -28.10
CA ARG C 98 -31.42 29.10 -27.52
C ARG C 98 -31.23 28.44 -26.16
N GLY C 99 -30.75 29.18 -25.17
CA GLY C 99 -30.58 28.55 -23.87
C GLY C 99 -29.71 29.32 -22.90
N LYS C 100 -29.71 28.81 -21.68
CA LYS C 100 -28.95 29.26 -20.52
C LYS C 100 -27.68 28.38 -20.26
N ILE C 101 -26.46 28.87 -19.99
CA ILE C 101 -25.21 28.13 -19.62
C ILE C 101 -25.28 27.79 -18.12
N ASN C 102 -25.07 26.54 -17.78
CA ASN C 102 -25.14 26.09 -16.40
C ASN C 102 -23.90 25.39 -15.92
N GLU C 103 -23.94 25.00 -14.65
CA GLU C 103 -22.81 24.37 -13.96
C GLU C 103 -22.28 23.17 -14.74
N THR C 104 -23.17 22.34 -15.27
CA THR C 104 -22.64 21.19 -16.00
C THR C 104 -22.06 21.66 -17.33
N ILE C 105 -22.69 22.59 -18.03
CA ILE C 105 -22.10 23.03 -19.31
C ILE C 105 -20.73 23.63 -19.08
N ILE C 106 -20.64 24.48 -18.04
CA ILE C 106 -19.38 25.09 -17.66
C ILE C 106 -18.34 24.04 -17.29
N GLY C 107 -18.75 23.00 -16.59
CA GLY C 107 -17.86 21.90 -16.24
C GLY C 107 -17.32 21.18 -17.46
N ASP C 108 -18.20 20.93 -18.43
CA ASP C 108 -17.85 20.20 -19.64
C ASP C 108 -16.94 21.02 -20.55
N VAL C 109 -17.20 22.32 -20.56
CA VAL C 109 -16.42 23.25 -21.36
C VAL C 109 -15.02 23.44 -20.75
N PHE C 110 -14.94 23.20 -19.45
CA PHE C 110 -13.69 23.29 -18.70
C PHE C 110 -12.78 22.11 -19.04
N GLU C 111 -13.38 20.94 -19.23
CA GLU C 111 -12.59 19.75 -19.58
C GLU C 111 -12.15 19.80 -21.04
N ALA C 112 -13.05 20.25 -21.90
CA ALA C 112 -12.77 20.37 -23.33
C ALA C 112 -11.69 21.41 -23.61
N LEU C 113 -11.65 22.43 -22.77
CA LEU C 113 -10.66 23.50 -22.96
C LEU C 113 -9.25 23.00 -22.66
N TRP C 114 -9.17 22.12 -21.66
CA TRP C 114 -7.87 21.52 -21.35
C TRP C 114 -7.46 20.51 -22.41
N ALA C 115 -8.45 19.85 -23.02
CA ALA C 115 -8.17 18.96 -24.15
C ALA C 115 -7.58 19.74 -25.33
N ALA C 116 -8.12 20.94 -25.52
CA ALA C 116 -7.73 21.83 -26.60
C ALA C 116 -6.32 22.33 -26.37
N VAL C 117 -6.01 22.84 -25.17
CA VAL C 117 -4.62 23.22 -24.89
C VAL C 117 -3.73 21.99 -25.12
N TYR C 118 -4.11 20.85 -24.55
CA TYR C 118 -3.35 19.62 -24.76
C TYR C 118 -3.12 19.38 -26.25
N ILE C 119 -4.20 19.47 -27.04
CA ILE C 119 -3.99 19.23 -28.47
C ILE C 119 -3.17 20.34 -29.11
N ASP C 120 -3.50 21.59 -28.76
CA ASP C 120 -2.86 22.71 -29.44
C ASP C 120 -1.35 22.76 -29.23
N SER C 121 -0.89 22.43 -28.03
CA SER C 121 0.52 22.53 -27.68
C SER C 121 1.33 21.30 -28.09
N GLY C 122 0.89 20.60 -29.13
CA GLY C 122 1.63 19.45 -29.62
C GLY C 122 1.35 18.18 -28.83
N ARG C 123 0.17 18.08 -28.24
CA ARG C 123 -0.15 16.93 -27.40
C ARG C 123 0.92 16.82 -26.31
N ASP C 124 1.21 17.98 -25.73
CA ASP C 124 2.20 18.09 -24.66
C ASP C 124 1.54 17.99 -23.30
N ALA C 125 1.55 16.78 -22.72
CA ALA C 125 0.86 16.55 -21.46
C ALA C 125 1.60 17.14 -20.27
N ASN C 126 2.94 17.20 -20.38
CA ASN C 126 3.69 17.80 -19.26
C ASN C 126 3.43 19.31 -19.27
N PHE C 127 3.53 19.98 -20.41
CA PHE C 127 3.21 21.41 -20.45
C PHE C 127 1.81 21.70 -19.95
N THR C 128 0.79 21.00 -20.44
CA THR C 128 -0.59 21.27 -20.02
C THR C 128 -0.79 21.06 -18.53
N ARG C 129 -0.16 20.02 -18.00
CA ARG C 129 -0.23 19.74 -16.58
C ARG C 129 0.38 20.87 -15.75
N GLU C 130 1.59 21.26 -16.14
CA GLU C 130 2.30 22.34 -15.46
C GLU C 130 1.50 23.64 -15.52
N LEU C 131 0.91 23.90 -16.67
CA LEU C 131 0.00 25.00 -16.90
C LEU C 131 -1.24 24.90 -16.01
N PHE C 132 -1.88 23.74 -15.98
CA PHE C 132 -3.06 23.48 -15.16
C PHE C 132 -2.77 23.74 -13.68
N TYR C 133 -1.62 23.25 -13.23
CA TYR C 133 -1.08 23.43 -11.91
C TYR C 133 -0.77 24.90 -11.59
N LYS C 134 -0.14 25.55 -12.56
CA LYS C 134 0.22 26.96 -12.46
C LYS C 134 -0.99 27.81 -12.06
N LEU C 135 -2.16 27.39 -12.54
CA LEU C 135 -3.41 28.07 -12.29
C LEU C 135 -4.13 27.56 -11.05
N PHE C 136 -4.05 26.25 -10.76
CA PHE C 136 -4.96 25.69 -9.76
C PHE C 136 -4.30 24.88 -8.66
N LYS C 137 -2.99 24.70 -8.67
CA LYS C 137 -2.41 23.77 -7.69
C LYS C 137 -2.70 24.19 -6.27
N GLU C 138 -2.67 25.51 -6.06
CA GLU C 138 -2.91 26.09 -4.74
C GLU C 138 -4.33 25.84 -4.29
N ASP C 139 -5.31 26.05 -5.17
CA ASP C 139 -6.70 25.84 -4.71
C ASP C 139 -6.99 24.37 -4.46
N ILE C 140 -6.34 23.47 -5.18
CA ILE C 140 -6.52 22.04 -4.93
C ILE C 140 -5.74 21.61 -3.70
N LEU C 141 -4.52 22.13 -3.53
CA LEU C 141 -3.76 21.77 -2.33
C LEU C 141 -4.55 22.17 -1.07
N SER C 142 -5.12 23.36 -1.13
CA SER C 142 -5.93 23.91 -0.06
C SER C 142 -7.08 22.97 0.31
N ALA C 143 -7.86 22.61 -0.71
CA ALA C 143 -9.01 21.74 -0.57
C ALA C 143 -8.66 20.42 0.11
N ILE C 144 -7.47 19.90 -0.17
CA ILE C 144 -7.05 18.63 0.42
C ILE C 144 -6.76 18.75 1.90
N LYS C 145 -6.42 19.94 2.37
CA LYS C 145 -6.11 20.17 3.78
C LYS C 145 -7.37 20.46 4.59
N GLU C 146 -8.42 20.88 3.89
CA GLU C 146 -9.67 21.25 4.56
C GLU C 146 -10.82 20.27 4.33
N GLY C 147 -10.93 19.74 3.10
CA GLY C 147 -11.94 18.75 2.81
C GLY C 147 -11.46 17.33 3.00
N ARG C 148 -10.58 17.10 3.97
CA ARG C 148 -10.05 15.76 4.22
C ARG C 148 -10.76 15.09 5.40
N HIS C 149 -10.74 13.76 5.41
CA HIS C 149 -11.36 12.95 6.44
C HIS C 149 -12.76 13.44 6.79
N GLY D 1 20.63 -18.80 -16.33
CA GLY D 1 21.18 -17.60 -16.95
C GLY D 1 20.08 -16.73 -17.56
N MET D 2 19.98 -16.78 -18.87
CA MET D 2 19.12 -15.96 -19.73
C MET D 2 18.84 -14.58 -19.12
N LYS D 3 17.65 -14.48 -18.46
CA LYS D 3 17.24 -13.29 -17.74
C LYS D 3 15.81 -13.47 -17.30
N MET D 4 15.54 -13.86 -16.05
CA MET D 4 14.18 -14.17 -15.63
C MET D 4 13.76 -13.44 -14.35
N LEU D 5 14.36 -12.29 -14.06
CA LEU D 5 14.01 -11.57 -12.84
C LEU D 5 13.34 -10.24 -13.15
N GLU D 6 14.09 -9.14 -13.08
CA GLU D 6 13.47 -7.84 -13.37
C GLU D 6 13.70 -7.46 -14.82
N GLN D 7 13.55 -8.45 -15.70
CA GLN D 7 13.77 -8.26 -17.13
C GLN D 7 12.45 -8.03 -17.85
N LEU D 8 11.52 -7.44 -17.11
CA LEU D 8 10.33 -6.84 -17.69
C LEU D 8 10.74 -5.48 -18.26
N GLU D 9 11.88 -5.00 -17.76
CA GLU D 9 12.50 -3.75 -18.14
C GLU D 9 12.94 -3.82 -19.60
N LYS D 10 13.52 -4.98 -19.92
CA LYS D 10 13.90 -5.26 -21.30
C LYS D 10 12.63 -5.29 -22.16
N LYS D 11 11.60 -5.93 -21.62
CA LYS D 11 10.34 -6.02 -22.35
C LYS D 11 9.66 -4.65 -22.45
N LEU D 12 9.54 -3.95 -21.33
CA LEU D 12 8.92 -2.63 -21.31
C LEU D 12 9.55 -1.68 -22.32
N GLY D 13 10.88 -1.62 -22.36
CA GLY D 13 11.58 -0.71 -23.26
C GLY D 13 12.29 0.41 -22.49
N TYR D 14 12.17 0.36 -21.16
CA TYR D 14 12.65 1.37 -20.26
C TYR D 14 13.28 0.80 -19.00
N THR D 15 14.40 1.38 -18.59
CA THR D 15 15.15 0.96 -17.42
C THR D 15 14.89 1.86 -16.22
N PHE D 16 14.48 1.27 -15.10
CA PHE D 16 14.19 2.09 -13.92
C PHE D 16 15.45 2.63 -13.27
N LYS D 17 15.39 3.88 -12.83
CA LYS D 17 16.47 4.52 -12.09
C LYS D 17 16.45 4.05 -10.63
N ASP D 18 15.24 4.00 -10.11
CA ASP D 18 14.90 3.56 -8.78
C ASP D 18 14.14 2.22 -8.87
N LYS D 19 14.90 1.15 -8.95
CA LYS D 19 14.35 -0.19 -9.10
C LYS D 19 13.23 -0.44 -8.10
N SER D 20 13.40 0.01 -6.87
CA SER D 20 12.43 -0.14 -5.81
C SER D 20 11.06 0.41 -6.14
N LEU D 21 10.93 1.24 -7.18
CA LEU D 21 9.61 1.71 -7.61
C LEU D 21 8.89 0.58 -8.33
N LEU D 22 9.61 -0.02 -9.27
CA LEU D 22 9.20 -1.20 -10.01
C LEU D 22 8.78 -2.30 -9.06
N GLU D 23 9.53 -2.45 -7.96
CA GLU D 23 9.22 -3.51 -7.00
C GLU D 23 7.89 -3.26 -6.31
N LYS D 24 7.67 -2.02 -5.90
CA LYS D 24 6.44 -1.66 -5.20
C LYS D 24 5.22 -1.94 -6.06
N ALA D 25 5.39 -1.76 -7.36
CA ALA D 25 4.36 -1.96 -8.38
C ALA D 25 4.06 -3.44 -8.59
N LEU D 26 5.07 -4.29 -8.40
CA LEU D 26 4.96 -5.72 -8.60
C LEU D 26 4.61 -6.44 -7.29
N THR D 27 4.67 -5.69 -6.20
CA THR D 27 4.43 -6.21 -4.85
C THR D 27 2.98 -6.11 -4.44
N HIS D 28 2.41 -7.20 -3.96
CA HIS D 28 1.04 -7.21 -3.45
C HIS D 28 1.02 -7.13 -1.94
N VAL D 29 -0.10 -6.69 -1.36
CA VAL D 29 -0.24 -6.55 0.08
C VAL D 29 0.17 -7.82 0.81
N SER D 30 -0.06 -8.97 0.18
CA SER D 30 0.26 -10.22 0.88
C SER D 30 1.75 -10.25 1.24
N TYR D 31 2.55 -10.31 0.21
CA TYR D 31 4.00 -10.32 0.19
C TYR D 31 4.61 -9.16 0.96
N SER D 32 3.90 -8.04 1.06
CA SER D 32 4.46 -6.87 1.74
C SER D 32 3.41 -5.86 2.17
N LYS D 33 3.14 -5.81 3.47
CA LYS D 33 2.19 -4.86 4.04
C LYS D 33 2.76 -3.45 4.09
N LYS D 34 4.04 -3.30 3.74
CA LYS D 34 4.69 -2.01 3.81
C LYS D 34 4.90 -1.34 2.46
N GLU D 35 5.21 -2.12 1.42
CA GLU D 35 5.41 -1.51 0.10
C GLU D 35 4.75 -2.31 -1.02
N HIS D 36 3.49 -2.01 -1.30
CA HIS D 36 2.78 -2.71 -2.37
C HIS D 36 2.36 -1.74 -3.48
N TYR D 37 1.43 -2.16 -4.32
CA TYR D 37 1.06 -1.40 -5.52
C TYR D 37 -0.15 -0.48 -5.37
N GLU D 38 -0.86 -0.56 -4.25
CA GLU D 38 -2.12 0.12 -4.01
C GLU D 38 -2.10 1.58 -4.44
N THR D 39 -1.25 2.38 -3.82
CA THR D 39 -1.15 3.79 -4.21
C THR D 39 -0.82 3.92 -5.69
N LEU D 40 0.24 3.23 -6.08
CA LEU D 40 0.69 3.23 -7.47
C LEU D 40 -0.47 2.90 -8.41
N GLU D 41 -1.28 1.90 -8.08
CA GLU D 41 -2.42 1.56 -8.94
C GLU D 41 -3.37 2.75 -9.08
N PHE D 42 -3.63 3.42 -7.96
CA PHE D 42 -4.50 4.58 -7.90
C PHE D 42 -4.15 5.57 -9.01
N LEU D 43 -2.93 6.11 -8.92
CA LEU D 43 -2.42 7.04 -9.93
C LEU D 43 -2.45 6.40 -11.31
N GLY D 44 -2.08 5.13 -11.39
CA GLY D 44 -1.96 4.38 -12.63
C GLY D 44 -3.26 4.25 -13.39
N ASP D 45 -4.38 4.16 -12.68
CA ASP D 45 -5.71 4.05 -13.25
C ASP D 45 -6.04 5.28 -14.08
N ALA D 46 -5.85 6.45 -13.49
CA ALA D 46 -6.08 7.72 -14.17
C ALA D 46 -5.09 7.92 -15.31
N LEU D 47 -3.84 7.53 -15.07
CA LEU D 47 -2.77 7.62 -16.06
C LEU D 47 -3.12 6.80 -17.30
N VAL D 48 -3.16 5.48 -17.12
CA VAL D 48 -3.41 4.63 -18.29
C VAL D 48 -4.79 4.91 -18.89
N ASN D 49 -5.72 5.38 -18.06
CA ASN D 49 -7.02 5.81 -18.59
C ASN D 49 -6.82 6.89 -19.65
N PHE D 50 -6.14 7.99 -19.31
CA PHE D 50 -5.89 9.02 -20.31
C PHE D 50 -5.19 8.47 -21.55
N PHE D 51 -4.33 7.47 -21.42
CA PHE D 51 -3.66 6.96 -22.62
C PHE D 51 -4.65 6.41 -23.62
N ILE D 52 -5.45 5.44 -23.16
CA ILE D 52 -6.47 4.84 -24.02
C ILE D 52 -7.41 5.91 -24.54
N VAL D 53 -7.86 6.79 -23.67
CA VAL D 53 -8.80 7.83 -24.09
C VAL D 53 -8.21 8.68 -25.21
N ASP D 54 -6.93 9.05 -25.10
CA ASP D 54 -6.34 9.90 -26.12
C ASP D 54 -6.30 9.19 -27.46
N LEU D 55 -6.09 7.88 -27.42
CA LEU D 55 -6.02 7.05 -28.62
C LEU D 55 -7.38 6.94 -29.31
N LEU D 56 -8.37 6.50 -28.57
CA LEU D 56 -9.78 6.41 -28.91
C LEU D 56 -10.27 7.61 -29.71
N VAL D 57 -9.97 8.82 -29.24
CA VAL D 57 -10.59 10.01 -29.83
C VAL D 57 -9.97 10.34 -31.18
N GLN D 58 -8.92 9.59 -31.51
CA GLN D 58 -8.22 9.76 -32.78
C GLN D 58 -8.50 8.64 -33.77
N TYR D 59 -8.58 7.41 -33.26
CA TYR D 59 -8.76 6.27 -34.17
C TYR D 59 -10.14 5.64 -34.06
N SER D 60 -11.18 6.47 -33.96
CA SER D 60 -12.54 5.95 -33.85
C SER D 60 -13.47 6.52 -34.92
N PRO D 61 -14.42 5.72 -35.38
CA PRO D 61 -15.39 6.18 -36.37
C PRO D 61 -16.17 7.37 -35.81
N ASN D 62 -17.20 7.07 -35.02
CA ASN D 62 -17.94 8.16 -34.37
C ASN D 62 -17.10 8.73 -33.23
N LYS D 63 -17.04 10.06 -33.18
CA LYS D 63 -16.28 10.83 -32.21
C LYS D 63 -17.17 11.41 -31.12
N ARG D 64 -18.39 10.91 -31.00
CA ARG D 64 -19.37 11.37 -30.03
C ARG D 64 -19.39 10.47 -28.80
N GLU D 65 -19.93 10.99 -27.70
CA GLU D 65 -19.92 10.36 -26.39
C GLU D 65 -20.53 8.96 -26.38
N GLY D 66 -21.59 8.75 -27.15
CA GLY D 66 -22.25 7.46 -27.19
C GLY D 66 -21.43 6.37 -27.84
N PHE D 67 -20.80 6.67 -28.98
CA PHE D 67 -19.97 5.63 -29.60
C PHE D 67 -18.75 5.33 -28.75
N LEU D 68 -18.10 6.39 -28.29
CA LEU D 68 -16.84 6.35 -27.59
C LEU D 68 -16.89 5.59 -26.27
N SER D 69 -17.91 5.86 -25.46
CA SER D 69 -17.97 5.30 -24.11
C SER D 69 -17.91 3.77 -24.09
N PRO D 70 -18.73 3.06 -24.84
CA PRO D 70 -18.68 1.59 -24.82
C PRO D 70 -17.27 1.06 -25.07
N LEU D 71 -16.65 1.45 -26.17
CA LEU D 71 -15.28 1.01 -26.45
C LEU D 71 -14.36 1.32 -25.27
N LYS D 72 -14.44 2.57 -24.83
CA LYS D 72 -13.66 3.03 -23.68
C LYS D 72 -13.88 2.09 -22.52
N ALA D 73 -15.15 1.77 -22.27
CA ALA D 73 -15.50 0.80 -21.24
C ALA D 73 -14.67 -0.46 -21.39
N TYR D 74 -14.41 -0.86 -22.63
CA TYR D 74 -13.69 -2.09 -22.89
C TYR D 74 -12.18 -2.03 -22.73
N LEU D 75 -11.53 -1.15 -23.46
CA LEU D 75 -10.09 -1.00 -23.50
C LEU D 75 -9.43 -0.73 -22.16
N ILE D 76 -10.18 -0.40 -21.11
CA ILE D 76 -9.63 -0.18 -19.79
C ILE D 76 -10.21 -1.15 -18.77
N SER D 77 -10.55 -2.36 -19.21
CA SER D 77 -11.19 -3.32 -18.31
C SER D 77 -10.20 -4.34 -17.78
N GLU D 78 -10.60 -5.08 -16.74
CA GLU D 78 -9.71 -6.11 -16.21
C GLU D 78 -9.37 -7.10 -17.32
N GLU D 79 -10.34 -7.32 -18.20
CA GLU D 79 -10.17 -8.28 -19.29
C GLU D 79 -9.12 -7.83 -20.28
N PHE D 80 -9.30 -6.66 -20.89
CA PHE D 80 -8.33 -6.13 -21.84
C PHE D 80 -7.01 -5.82 -21.17
N PHE D 81 -7.08 -5.27 -19.95
CA PHE D 81 -5.86 -4.99 -19.21
C PHE D 81 -5.05 -6.27 -19.07
N ASN D 82 -5.73 -7.34 -18.66
CA ASN D 82 -5.05 -8.62 -18.54
C ASN D 82 -4.53 -9.03 -19.91
N LEU D 83 -5.26 -8.61 -20.96
CA LEU D 83 -4.88 -8.92 -22.33
C LEU D 83 -3.60 -8.20 -22.74
N LEU D 84 -3.16 -7.23 -21.95
CA LEU D 84 -1.89 -6.59 -22.34
C LEU D 84 -0.84 -6.96 -21.31
N ALA D 85 -1.31 -7.40 -20.15
CA ALA D 85 -0.43 -7.90 -19.10
C ALA D 85 0.37 -9.09 -19.63
N GLN D 86 -0.33 -10.07 -20.16
CA GLN D 86 0.32 -11.28 -20.69
C GLN D 86 1.32 -10.91 -21.78
N LYS D 87 1.07 -9.79 -22.45
CA LYS D 87 2.00 -9.18 -23.39
C LYS D 87 3.34 -8.92 -22.70
N LEU D 88 3.27 -8.66 -21.40
CA LEU D 88 4.39 -8.39 -20.52
C LEU D 88 4.72 -9.59 -19.63
N GLU D 89 3.78 -10.52 -19.52
CA GLU D 89 3.89 -11.69 -18.65
C GLU D 89 3.96 -11.25 -17.19
N LEU D 90 3.28 -10.15 -16.89
CA LEU D 90 3.31 -9.53 -15.58
C LEU D 90 3.07 -10.54 -14.46
N HIS D 91 2.25 -11.55 -14.74
CA HIS D 91 1.92 -12.50 -13.67
C HIS D 91 3.18 -13.16 -13.11
N LYS D 92 4.24 -13.24 -13.91
CA LYS D 92 5.49 -13.87 -13.53
C LYS D 92 6.38 -12.97 -12.70
N PHE D 93 6.19 -11.65 -12.74
CA PHE D 93 7.07 -10.73 -12.03
C PHE D 93 6.45 -10.27 -10.71
N ILE D 94 5.20 -10.62 -10.54
CA ILE D 94 4.37 -10.28 -9.40
C ILE D 94 4.87 -10.90 -8.10
N ARG D 95 4.95 -10.09 -7.06
CA ARG D 95 5.34 -10.63 -5.76
C ARG D 95 4.13 -10.69 -4.83
N ILE D 96 3.74 -11.92 -4.49
CA ILE D 96 2.55 -12.16 -3.69
C ILE D 96 2.61 -13.56 -3.09
N LYS D 97 1.92 -13.77 -1.97
CA LYS D 97 1.86 -15.09 -1.37
C LYS D 97 1.39 -16.11 -2.41
N ARG D 98 2.06 -17.25 -2.47
CA ARG D 98 1.72 -18.27 -3.46
C ARG D 98 0.26 -18.68 -3.39
N GLY D 99 -0.32 -19.06 -4.52
CA GLY D 99 -1.65 -19.59 -4.56
C GLY D 99 -2.79 -18.71 -4.98
N LYS D 100 -2.68 -17.38 -4.89
CA LYS D 100 -3.86 -16.59 -5.25
C LYS D 100 -3.57 -15.36 -6.05
N ILE D 101 -2.96 -15.48 -7.24
CA ILE D 101 -2.82 -14.25 -8.04
C ILE D 101 -4.13 -13.73 -8.45
N ASN D 102 -4.45 -13.62 -9.74
CA ASN D 102 -5.79 -13.47 -10.38
C ASN D 102 -5.64 -12.35 -11.41
N GLU D 103 -6.73 -12.15 -12.15
CA GLU D 103 -6.85 -11.15 -13.20
C GLU D 103 -7.02 -9.74 -12.63
N THR D 104 -7.77 -9.63 -11.54
CA THR D 104 -7.99 -8.33 -10.93
C THR D 104 -6.66 -7.74 -10.46
N ILE D 105 -5.99 -8.47 -9.58
CA ILE D 105 -4.68 -8.06 -9.10
C ILE D 105 -3.75 -7.75 -10.26
N ILE D 106 -3.71 -8.67 -11.22
CA ILE D 106 -2.81 -8.50 -12.36
C ILE D 106 -3.12 -7.19 -13.10
N GLY D 107 -4.40 -6.90 -13.26
CA GLY D 107 -4.83 -5.67 -13.91
C GLY D 107 -4.41 -4.44 -13.14
N ASP D 108 -4.63 -4.44 -11.83
CA ASP D 108 -4.19 -3.33 -10.98
C ASP D 108 -2.68 -3.17 -11.06
N VAL D 109 -1.96 -4.28 -10.91
CA VAL D 109 -0.51 -4.21 -11.05
C VAL D 109 -0.15 -3.62 -12.41
N PHE D 110 -0.87 -4.03 -13.45
CA PHE D 110 -0.64 -3.42 -14.77
C PHE D 110 -0.80 -1.90 -14.64
N GLU D 111 -1.76 -1.53 -13.82
CA GLU D 111 -2.04 -0.12 -13.52
C GLU D 111 -0.90 0.47 -12.68
N ALA D 112 -0.48 -0.25 -11.65
CA ALA D 112 0.59 0.28 -10.79
C ALA D 112 1.88 0.48 -11.59
N LEU D 113 2.23 -0.53 -12.36
CA LEU D 113 3.47 -0.54 -13.13
C LEU D 113 3.63 0.75 -13.93
N TRP D 114 2.69 1.01 -14.82
CA TRP D 114 2.68 2.20 -15.67
C TRP D 114 2.78 3.48 -14.86
N ALA D 115 2.25 3.47 -13.65
CA ALA D 115 2.42 4.63 -12.78
C ALA D 115 3.84 4.72 -12.24
N ALA D 116 4.48 3.56 -12.04
CA ALA D 116 5.84 3.54 -11.50
C ALA D 116 6.84 3.99 -12.55
N VAL D 117 6.53 3.72 -13.80
CA VAL D 117 7.31 4.21 -14.93
C VAL D 117 7.17 5.73 -15.04
N TYR D 118 5.93 6.19 -14.95
CA TYR D 118 5.63 7.63 -15.01
C TYR D 118 6.45 8.39 -13.98
N ILE D 119 6.30 8.00 -12.72
CA ILE D 119 7.08 8.64 -11.66
C ILE D 119 8.58 8.42 -11.87
N ASP D 120 9.00 7.23 -12.30
CA ASP D 120 10.44 7.02 -12.43
C ASP D 120 11.03 7.91 -13.51
N SER D 121 10.23 8.25 -14.51
CA SER D 121 10.72 9.10 -15.60
C SER D 121 10.71 10.55 -15.20
N GLY D 122 10.66 10.89 -13.92
CA GLY D 122 10.55 12.31 -13.54
C GLY D 122 9.19 12.88 -13.91
N ARG D 123 8.16 12.05 -13.82
CA ARG D 123 6.80 12.36 -14.24
C ARG D 123 6.74 12.87 -15.69
N ASP D 124 7.41 12.15 -16.58
CA ASP D 124 7.40 12.49 -18.00
C ASP D 124 6.25 11.78 -18.72
N ALA D 125 5.12 12.46 -18.85
CA ALA D 125 3.88 11.90 -19.38
C ALA D 125 3.94 11.58 -20.86
N ASN D 126 4.53 12.46 -21.67
CA ASN D 126 4.62 12.19 -23.10
C ASN D 126 5.50 10.98 -23.40
N PHE D 127 6.61 10.84 -22.68
CA PHE D 127 7.55 9.75 -22.84
C PHE D 127 6.91 8.42 -22.45
N THR D 128 6.43 8.33 -21.22
CA THR D 128 5.78 7.15 -20.68
C THR D 128 4.62 6.71 -21.57
N ARG D 129 3.86 7.68 -22.06
CA ARG D 129 2.76 7.42 -22.98
C ARG D 129 3.28 6.82 -24.28
N GLU D 130 4.39 7.38 -24.76
CA GLU D 130 4.99 6.82 -25.96
C GLU D 130 5.46 5.39 -25.67
N LEU D 131 6.02 5.22 -24.47
CA LEU D 131 6.45 3.91 -23.99
C LEU D 131 5.26 2.95 -24.04
N PHE D 132 4.10 3.48 -23.68
CA PHE D 132 2.85 2.76 -23.63
C PHE D 132 2.35 2.36 -25.03
N TYR D 133 2.24 3.36 -25.89
CA TYR D 133 1.73 3.18 -27.24
C TYR D 133 2.56 2.18 -28.03
N LYS D 134 3.89 2.27 -27.93
CA LYS D 134 4.73 1.37 -28.73
C LYS D 134 4.39 -0.10 -28.46
N LEU D 135 3.91 -0.38 -27.26
CA LEU D 135 3.56 -1.70 -26.82
C LEU D 135 2.12 -2.11 -27.19
N PHE D 136 1.17 -1.26 -26.84
CA PHE D 136 -0.25 -1.55 -26.96
C PHE D 136 -0.99 -0.63 -27.93
N LYS D 137 -0.30 0.20 -28.71
CA LYS D 137 -1.05 1.05 -29.64
C LYS D 137 -1.82 0.19 -30.64
N GLU D 138 -1.04 -0.49 -31.46
CA GLU D 138 -1.54 -1.33 -32.54
C GLU D 138 -2.70 -2.20 -32.07
N ASP D 139 -2.57 -2.81 -30.92
CA ASP D 139 -3.64 -3.65 -30.42
C ASP D 139 -4.85 -2.78 -30.13
N ILE D 140 -4.67 -1.83 -29.24
CA ILE D 140 -5.75 -0.90 -28.92
C ILE D 140 -6.38 -0.46 -30.24
N LEU D 141 -5.54 -0.03 -31.18
CA LEU D 141 -6.04 0.50 -32.43
C LEU D 141 -6.87 -0.53 -33.19
N SER D 142 -6.48 -1.80 -33.07
CA SER D 142 -7.20 -2.85 -33.77
C SER D 142 -8.49 -3.19 -33.02
N ALA D 143 -8.42 -3.13 -31.69
CA ALA D 143 -9.55 -3.39 -30.81
C ALA D 143 -10.62 -2.32 -30.97
N ILE D 144 -10.21 -1.11 -31.34
CA ILE D 144 -11.13 0.01 -31.42
C ILE D 144 -12.17 -0.21 -32.51
N LYS D 145 -11.85 -1.05 -33.50
CA LYS D 145 -12.76 -1.34 -34.58
C LYS D 145 -13.84 -2.34 -34.19
N GLU D 146 -14.13 -2.44 -32.89
CA GLU D 146 -15.31 -3.19 -32.44
C GLU D 146 -15.43 -2.86 -30.94
N GLY D 147 -14.32 -3.09 -30.22
CA GLY D 147 -14.25 -3.00 -28.77
C GLY D 147 -15.27 -3.93 -28.11
N ARG D 148 -16.48 -3.42 -27.95
CA ARG D 148 -17.63 -4.14 -27.42
C ARG D 148 -17.25 -5.05 -26.24
MG MG E . -2.04 -19.40 10.04
MG MG F . 5.60 0.70 10.00
MG MG G . -17.88 16.06 -18.56
MG MG H . -7.60 -0.96 -10.61
#